data_3ILS
#
_entry.id   3ILS
#
_cell.length_a   66.934
_cell.length_b   66.941
_cell.length_c   67.925
_cell.angle_alpha   90.000
_cell.angle_beta   90.000
_cell.angle_gamma   90.000
#
_symmetry.space_group_name_H-M   'P 21 21 21'
#
loop_
_entity.id
_entity.type
_entity.pdbx_description
1 polymer 'Aflatoxin biosynthesis polyketide synthase'
2 water water
#
_entity_poly.entity_id   1
_entity_poly.type   'polypeptide(L)'
_entity_poly.pdbx_seq_one_letter_code
;LKPYCRPSTSVVLQGLPMVARKTLFMLPDGGGSAFSYASLPRLKSDTAVVGLNCPYARDPENMNCTHGAMIESFCNEIRR
RQPRGPYHLGGWSSGGAFAYVVAEALVNQGEEVHSLIIIDAPIPQAMEQLPRAFYEHCNSIGLFATQPGASPDGSTEPPS
YLIPHFTAVVDVMLDYKLAPLHARRMPKVGIVWAADTVMDERDAPKMKGMHFMIQKRTEFGPDGWDTIMPGASFDIVRAD
GANHFTLMQKEHVSIISDLIDRVMA
;
_entity_poly.pdbx_strand_id   A
#
# COMPACT_ATOMS: atom_id res chain seq x y z
N LEU A 1 -20.27 -21.49 -7.34
CA LEU A 1 -19.19 -21.79 -6.36
C LEU A 1 -18.48 -20.48 -5.98
N LYS A 2 -18.26 -20.30 -4.69
CA LYS A 2 -17.65 -19.08 -4.18
C LYS A 2 -16.19 -18.86 -4.61
N PRO A 3 -15.85 -17.61 -4.96
CA PRO A 3 -14.48 -17.27 -5.37
C PRO A 3 -13.60 -17.58 -4.17
N TYR A 4 -12.48 -18.24 -4.41
CA TYR A 4 -11.57 -18.61 -3.33
C TYR A 4 -10.25 -17.85 -3.29
N CYS A 5 -9.72 -17.69 -2.08
CA CYS A 5 -8.42 -17.06 -1.85
C CYS A 5 -7.90 -17.63 -0.53
N ARG A 6 -6.63 -18.00 -0.51
CA ARG A 6 -6.03 -18.53 0.70
C ARG A 6 -6.19 -17.51 1.82
N PRO A 7 -6.32 -17.97 3.07
CA PRO A 7 -6.46 -17.02 4.17
C PRO A 7 -5.15 -16.23 4.33
N SER A 8 -5.24 -15.04 4.94
CA SER A 8 -4.06 -14.21 5.13
C SER A 8 -3.55 -14.24 6.57
N THR A 9 -2.25 -13.96 6.73
CA THR A 9 -1.61 -13.92 8.04
C THR A 9 -1.19 -12.47 8.25
N SER A 10 -0.89 -12.11 9.49
CA SER A 10 -0.48 -10.76 9.82
C SER A 10 0.42 -10.80 11.05
N VAL A 11 1.18 -9.74 11.28
CA VAL A 11 2.06 -9.65 12.42
C VAL A 11 2.05 -8.23 12.97
N VAL A 12 2.31 -8.09 14.27
CA VAL A 12 2.37 -6.76 14.86
C VAL A 12 3.80 -6.25 14.63
N LEU A 13 3.91 -5.11 13.95
CA LEU A 13 5.22 -4.52 13.65
C LEU A 13 5.68 -3.57 14.74
N GLN A 14 4.73 -3.02 15.48
CA GLN A 14 5.05 -2.12 16.58
C GLN A 14 3.83 -1.81 17.42
N GLY A 15 4.04 -1.57 18.71
CA GLY A 15 2.91 -1.26 19.57
C GLY A 15 2.19 -2.50 20.09
N LEU A 16 1.07 -2.27 20.77
CA LEU A 16 0.28 -3.35 21.36
C LEU A 16 -1.22 -3.21 21.07
N PRO A 17 -1.72 -3.91 20.03
CA PRO A 17 -3.13 -3.89 19.63
C PRO A 17 -4.10 -4.11 20.80
N MET A 18 -5.28 -3.50 20.69
CA MET A 18 -6.33 -3.62 21.70
C MET A 18 -6.04 -2.83 22.96
N VAL A 19 -4.79 -2.85 23.42
CA VAL A 19 -4.42 -2.07 24.58
C VAL A 19 -4.20 -0.64 24.09
N ALA A 20 -3.56 -0.51 22.92
CA ALA A 20 -3.34 0.80 22.34
C ALA A 20 -4.72 1.31 21.97
N ARG A 21 -4.89 2.63 21.97
CA ARG A 21 -6.18 3.22 21.66
C ARG A 21 -6.65 2.86 20.25
N LYS A 22 -5.70 2.83 19.30
CA LYS A 22 -6.02 2.52 17.91
C LYS A 22 -4.99 1.59 17.30
N THR A 23 -5.39 0.87 16.26
CA THR A 23 -4.47 -0.03 15.54
C THR A 23 -4.56 0.24 14.03
N LEU A 24 -3.41 0.52 13.43
CA LEU A 24 -3.31 0.78 12.01
C LEU A 24 -2.97 -0.51 11.26
N PHE A 25 -3.86 -0.92 10.37
CA PHE A 25 -3.69 -2.13 9.58
C PHE A 25 -3.13 -1.78 8.20
N MET A 26 -1.91 -2.20 7.94
CA MET A 26 -1.24 -1.94 6.67
C MET A 26 -1.37 -3.13 5.73
N LEU A 27 -1.86 -2.87 4.52
CA LEU A 27 -2.00 -3.90 3.52
C LEU A 27 -0.67 -3.96 2.77
N PRO A 28 -0.27 -5.15 2.33
CA PRO A 28 0.99 -5.35 1.60
C PRO A 28 1.13 -4.64 0.25
N ASP A 29 2.34 -4.12 0.01
CA ASP A 29 2.65 -3.45 -1.25
C ASP A 29 3.10 -4.55 -2.23
N GLY A 30 3.36 -4.18 -3.48
CA GLY A 30 3.77 -5.16 -4.46
C GLY A 30 4.56 -6.41 -4.09
N GLY A 31 5.41 -6.31 -3.07
CA GLY A 31 6.23 -7.44 -2.65
C GLY A 31 5.50 -8.55 -1.90
N GLY A 32 4.40 -8.19 -1.25
CA GLY A 32 3.59 -9.15 -0.53
C GLY A 32 3.96 -9.39 0.93
N SER A 33 4.87 -8.57 1.47
CA SER A 33 5.33 -8.74 2.85
C SER A 33 5.02 -7.59 3.81
N ALA A 34 4.54 -7.94 4.99
CA ALA A 34 4.22 -6.94 6.00
C ALA A 34 5.45 -6.17 6.44
N PHE A 35 6.62 -6.78 6.31
CA PHE A 35 7.86 -6.14 6.74
C PHE A 35 8.35 -4.96 5.92
N SER A 36 7.56 -4.55 4.92
CA SER A 36 7.92 -3.39 4.13
C SER A 36 7.74 -2.17 5.02
N TYR A 37 6.85 -2.32 6.01
CA TYR A 37 6.54 -1.24 6.95
C TYR A 37 7.34 -1.32 8.24
N ALA A 38 8.26 -2.27 8.32
CA ALA A 38 9.09 -2.42 9.52
C ALA A 38 10.07 -1.25 9.64
N SER A 39 10.22 -0.49 8.57
CA SER A 39 11.12 0.66 8.57
C SER A 39 10.47 1.92 9.11
N LEU A 40 9.18 1.85 9.39
CA LEU A 40 8.45 3.00 9.94
C LEU A 40 8.92 3.30 11.36
N PRO A 41 9.30 4.56 11.63
CA PRO A 41 9.76 4.90 12.98
C PRO A 41 8.64 4.65 13.99
N ARG A 42 9.00 4.62 15.27
CA ARG A 42 8.01 4.39 16.32
C ARG A 42 7.01 5.52 16.35
N LEU A 43 5.72 5.18 16.30
CA LEU A 43 4.66 6.18 16.32
C LEU A 43 4.60 6.81 17.72
N LYS A 44 4.55 8.13 17.79
CA LYS A 44 4.49 8.81 19.07
C LYS A 44 3.06 8.92 19.59
N SER A 45 2.09 8.56 18.74
CA SER A 45 0.68 8.57 19.12
C SER A 45 0.39 7.22 19.75
N ASP A 46 -0.74 7.07 20.43
CA ASP A 46 -1.05 5.77 21.04
C ASP A 46 -1.67 4.86 19.98
N THR A 47 -0.84 4.45 19.02
CA THR A 47 -1.27 3.61 17.92
C THR A 47 -0.35 2.43 17.65
N ALA A 48 -0.94 1.24 17.52
CA ALA A 48 -0.18 0.02 17.22
C ALA A 48 -0.22 -0.16 15.70
N VAL A 49 0.74 -0.90 15.14
CA VAL A 49 0.75 -1.13 13.70
C VAL A 49 0.83 -2.61 13.40
N VAL A 50 -0.14 -3.10 12.63
CA VAL A 50 -0.21 -4.51 12.22
C VAL A 50 -0.11 -4.56 10.69
N GLY A 51 0.69 -5.49 10.19
CA GLY A 51 0.85 -5.61 8.75
C GLY A 51 0.45 -7.00 8.25
N LEU A 52 -0.30 -7.03 7.15
CA LEU A 52 -0.72 -8.29 6.57
C LEU A 52 0.26 -8.74 5.50
N ASN A 53 0.33 -10.06 5.29
CA ASN A 53 1.19 -10.65 4.29
C ASN A 53 0.34 -11.23 3.15
N CYS A 54 0.80 -11.12 1.91
CA CYS A 54 0.03 -11.70 0.80
C CYS A 54 0.25 -13.20 0.88
N PRO A 55 -0.85 -13.98 0.90
CA PRO A 55 -0.75 -15.44 0.97
C PRO A 55 -0.06 -16.13 -0.21
N TYR A 56 0.28 -15.36 -1.24
CA TYR A 56 0.96 -15.91 -2.41
C TYR A 56 2.33 -15.25 -2.60
N ALA A 57 2.86 -14.67 -1.53
CA ALA A 57 4.14 -13.97 -1.59
C ALA A 57 5.28 -14.74 -2.23
N ARG A 58 5.43 -16.02 -1.88
CA ARG A 58 6.52 -16.83 -2.41
C ARG A 58 6.16 -17.76 -3.56
N ASP A 59 4.93 -17.66 -4.06
CA ASP A 59 4.51 -18.47 -5.20
C ASP A 59 3.41 -17.72 -5.94
N PRO A 60 3.75 -16.54 -6.47
CA PRO A 60 2.84 -15.68 -7.23
C PRO A 60 2.26 -16.37 -8.44
N GLU A 61 2.94 -17.40 -8.91
CA GLU A 61 2.47 -18.15 -10.09
C GLU A 61 1.17 -18.87 -9.77
N ASN A 62 0.85 -19.01 -8.48
CA ASN A 62 -0.37 -19.68 -8.06
C ASN A 62 -1.46 -18.75 -7.56
N MET A 63 -1.30 -17.45 -7.76
CA MET A 63 -2.30 -16.48 -7.34
C MET A 63 -3.43 -16.60 -8.37
N ASN A 64 -4.41 -17.46 -8.09
CA ASN A 64 -5.52 -17.69 -9.01
C ASN A 64 -6.84 -17.07 -8.56
N CYS A 65 -6.76 -16.24 -7.53
CA CYS A 65 -7.93 -15.59 -6.96
C CYS A 65 -8.35 -14.30 -7.67
N THR A 66 -9.60 -13.89 -7.43
CA THR A 66 -10.12 -12.64 -7.99
C THR A 66 -9.75 -11.59 -6.93
N HIS A 67 -9.68 -10.32 -7.31
CA HIS A 67 -9.33 -9.31 -6.31
C HIS A 67 -10.35 -9.32 -5.18
N GLY A 68 -11.62 -9.56 -5.51
CA GLY A 68 -12.66 -9.61 -4.50
C GLY A 68 -12.37 -10.67 -3.45
N ALA A 69 -11.94 -11.85 -3.89
CA ALA A 69 -11.62 -12.93 -2.97
C ALA A 69 -10.43 -12.57 -2.10
N MET A 70 -9.46 -11.87 -2.68
CA MET A 70 -8.28 -11.44 -1.94
C MET A 70 -8.64 -10.38 -0.90
N ILE A 71 -9.53 -9.46 -1.27
CA ILE A 71 -9.96 -8.42 -0.33
C ILE A 71 -10.68 -9.08 0.83
N GLU A 72 -11.54 -10.05 0.53
CA GLU A 72 -12.27 -10.76 1.58
C GLU A 72 -11.30 -11.43 2.54
N SER A 73 -10.21 -11.96 1.98
CA SER A 73 -9.19 -12.62 2.77
C SER A 73 -8.52 -11.61 3.73
N PHE A 74 -8.21 -10.42 3.23
CA PHE A 74 -7.60 -9.37 4.04
C PHE A 74 -8.56 -8.96 5.15
N CYS A 75 -9.82 -8.74 4.79
CA CYS A 75 -10.84 -8.34 5.75
C CYS A 75 -10.99 -9.38 6.85
N ASN A 76 -11.02 -10.66 6.47
CA ASN A 76 -11.15 -11.74 7.44
C ASN A 76 -10.04 -11.71 8.49
N GLU A 77 -8.80 -11.47 8.05
CA GLU A 77 -7.67 -11.43 8.97
C GLU A 77 -7.72 -10.19 9.86
N ILE A 78 -8.14 -9.06 9.29
CA ILE A 78 -8.23 -7.83 10.06
C ILE A 78 -9.26 -7.95 11.18
N ARG A 79 -10.43 -8.47 10.86
CA ARG A 79 -11.47 -8.62 11.86
C ARG A 79 -11.15 -9.73 12.86
N ARG A 80 -10.22 -10.62 12.51
CA ARG A 80 -9.83 -11.68 13.43
C ARG A 80 -9.05 -10.99 14.56
N ARG A 81 -8.12 -10.13 14.17
CA ARG A 81 -7.29 -9.38 15.11
C ARG A 81 -8.17 -8.42 15.92
N GLN A 82 -9.03 -7.71 15.22
CA GLN A 82 -9.92 -6.74 15.84
C GLN A 82 -11.36 -6.92 15.33
N PRO A 83 -12.18 -7.69 16.09
CA PRO A 83 -13.59 -8.03 15.76
C PRO A 83 -14.52 -6.82 15.47
N ARG A 84 -14.33 -5.69 16.15
CA ARG A 84 -15.19 -4.54 15.92
C ARG A 84 -14.39 -3.29 15.55
N GLY A 85 -15.01 -2.42 14.76
CA GLY A 85 -14.35 -1.18 14.36
C GLY A 85 -14.47 -0.12 15.44
N PRO A 86 -14.24 1.14 15.14
CA PRO A 86 -13.72 1.57 13.84
C PRO A 86 -12.33 1.02 13.50
N TYR A 87 -12.05 1.09 12.20
CA TYR A 87 -10.82 0.61 11.65
C TYR A 87 -10.02 1.78 11.11
N HIS A 88 -8.74 1.52 10.95
CA HIS A 88 -7.75 2.45 10.54
C HIS A 88 -6.92 1.64 9.57
N LEU A 89 -6.96 2.05 8.29
CA LEU A 89 -6.27 1.33 7.22
C LEU A 89 -5.20 2.13 6.50
N GLY A 90 -4.28 1.42 5.83
CA GLY A 90 -3.20 2.07 5.11
C GLY A 90 -2.38 1.13 4.24
N GLY A 91 -1.48 1.72 3.46
CA GLY A 91 -0.65 0.92 2.59
C GLY A 91 0.16 1.74 1.62
N TRP A 92 1.22 1.13 1.10
CA TRP A 92 2.13 1.76 0.16
C TRP A 92 1.97 1.10 -1.21
N SER A 93 1.94 1.92 -2.26
CA SER A 93 1.78 1.46 -3.63
C SER A 93 0.51 0.62 -3.76
N SER A 94 0.63 -0.59 -4.30
CA SER A 94 -0.54 -1.46 -4.46
C SER A 94 -1.24 -1.71 -3.13
N GLY A 95 -0.54 -1.46 -2.02
CA GLY A 95 -1.12 -1.65 -0.71
C GLY A 95 -2.05 -0.50 -0.32
N GLY A 96 -1.77 0.68 -0.86
CA GLY A 96 -2.58 1.85 -0.59
C GLY A 96 -3.92 1.65 -1.28
N ALA A 97 -3.87 1.10 -2.49
CA ALA A 97 -5.07 0.82 -3.26
C ALA A 97 -5.87 -0.29 -2.55
N PHE A 98 -5.18 -1.34 -2.09
CA PHE A 98 -5.86 -2.42 -1.36
C PHE A 98 -6.48 -1.85 -0.09
N ALA A 99 -5.85 -0.90 0.54
CA ALA A 99 -6.40 -0.35 1.76
C ALA A 99 -7.75 0.31 1.51
N TYR A 100 -7.86 1.06 0.40
CA TYR A 100 -9.14 1.68 0.04
C TYR A 100 -10.25 0.63 -0.23
N VAL A 101 -9.87 -0.36 -1.02
CA VAL A 101 -10.82 -1.36 -1.46
C VAL A 101 -11.26 -2.15 -0.20
N VAL A 102 -10.36 -2.33 0.73
CA VAL A 102 -10.70 -3.03 1.98
C VAL A 102 -11.71 -2.16 2.74
N ALA A 103 -11.50 -0.84 2.71
CA ALA A 103 -12.40 0.09 3.38
C ALA A 103 -13.79 -0.01 2.72
N GLU A 104 -13.79 -0.17 1.39
CA GLU A 104 -15.03 -0.30 0.64
C GLU A 104 -15.82 -1.48 1.22
N ALA A 105 -15.12 -2.60 1.39
CA ALA A 105 -15.73 -3.81 1.91
C ALA A 105 -16.29 -3.61 3.32
N LEU A 106 -15.46 -3.07 4.21
CA LEU A 106 -15.85 -2.83 5.59
C LEU A 106 -17.00 -1.84 5.70
N VAL A 107 -16.96 -0.80 4.87
CA VAL A 107 -18.02 0.21 4.89
C VAL A 107 -19.32 -0.41 4.39
N ASN A 108 -19.22 -1.30 3.41
CA ASN A 108 -20.42 -1.95 2.88
C ASN A 108 -21.02 -2.96 3.86
N GLN A 109 -20.20 -3.42 4.80
CA GLN A 109 -20.69 -4.36 5.81
C GLN A 109 -21.25 -3.63 7.02
N GLY A 110 -21.31 -2.30 6.94
CA GLY A 110 -21.84 -1.53 8.05
C GLY A 110 -20.83 -1.09 9.08
N GLU A 111 -19.54 -1.26 8.80
CA GLU A 111 -18.50 -0.86 9.74
C GLU A 111 -18.00 0.54 9.40
N GLU A 112 -17.36 1.18 10.37
CA GLU A 112 -16.81 2.52 10.17
C GLU A 112 -15.29 2.45 9.93
N VAL A 113 -14.79 3.36 9.10
CA VAL A 113 -13.36 3.46 8.80
C VAL A 113 -13.01 4.91 9.06
N HIS A 114 -12.25 5.17 10.12
CA HIS A 114 -11.90 6.52 10.51
C HIS A 114 -10.57 7.11 10.01
N SER A 115 -9.69 6.26 9.49
CA SER A 115 -8.41 6.73 8.98
C SER A 115 -7.98 5.94 7.76
N LEU A 116 -7.37 6.64 6.80
CA LEU A 116 -6.85 6.02 5.60
C LEU A 116 -5.50 6.66 5.31
N ILE A 117 -4.44 5.86 5.32
CA ILE A 117 -3.09 6.33 5.08
C ILE A 117 -2.57 5.79 3.75
N ILE A 118 -2.41 6.69 2.77
CA ILE A 118 -1.93 6.30 1.46
C ILE A 118 -0.49 6.77 1.22
N ILE A 119 0.40 5.82 0.96
CA ILE A 119 1.79 6.13 0.71
C ILE A 119 2.08 5.99 -0.78
N ASP A 120 2.17 7.13 -1.46
CA ASP A 120 2.44 7.21 -2.90
C ASP A 120 1.74 6.18 -3.78
N ALA A 121 0.42 6.36 -3.95
CA ALA A 121 -0.39 5.48 -4.78
C ALA A 121 -1.58 6.25 -5.34
N PRO A 122 -1.87 6.09 -6.64
CA PRO A 122 -3.00 6.77 -7.29
C PRO A 122 -4.26 5.99 -6.92
N ILE A 123 -5.44 6.57 -7.09
CA ILE A 123 -6.66 5.84 -6.72
C ILE A 123 -6.71 4.47 -7.42
N PRO A 124 -7.38 3.48 -6.79
CA PRO A 124 -7.51 2.12 -7.30
C PRO A 124 -7.93 2.07 -8.78
N GLN A 125 -7.26 1.28 -9.58
CA GLN A 125 -7.46 1.22 -11.02
C GLN A 125 -6.68 0.07 -11.63
N ALA A 126 -7.23 -0.49 -12.71
CA ALA A 126 -6.39 -1.31 -13.55
C ALA A 126 -5.11 -0.54 -13.87
N MET A 127 -3.97 -1.22 -13.94
CA MET A 127 -2.69 -0.60 -14.29
C MET A 127 -1.84 -1.40 -15.24
N GLU A 128 -1.10 -0.62 -16.04
CA GLU A 128 -0.26 -1.15 -17.11
C GLU A 128 0.98 -1.72 -16.41
N GLN A 129 1.47 -2.84 -16.93
CA GLN A 129 2.54 -3.51 -16.24
C GLN A 129 3.88 -2.81 -16.49
N LEU A 130 4.64 -2.64 -15.40
CA LEU A 130 6.01 -2.20 -15.61
C LEU A 130 6.87 -3.38 -16.10
N PRO A 131 7.82 -3.24 -17.01
CA PRO A 131 8.54 -4.39 -17.51
C PRO A 131 9.58 -4.85 -16.50
N ARG A 132 9.91 -6.12 -16.57
CA ARG A 132 10.87 -6.72 -15.64
C ARG A 132 12.14 -5.84 -15.54
N ALA A 133 12.60 -5.37 -16.68
CA ALA A 133 13.82 -4.58 -16.73
C ALA A 133 13.78 -3.38 -15.80
N PHE A 134 12.60 -2.80 -15.64
CA PHE A 134 12.46 -1.65 -14.74
C PHE A 134 12.72 -2.07 -13.29
N TYR A 135 12.08 -3.16 -12.86
CA TYR A 135 12.26 -3.64 -11.50
C TYR A 135 13.68 -4.12 -11.25
N GLU A 136 14.31 -4.69 -12.26
CA GLU A 136 15.67 -5.16 -12.12
C GLU A 136 16.60 -3.96 -11.98
N HIS A 137 16.17 -2.83 -12.54
CA HIS A 137 16.95 -1.60 -12.45
C HIS A 137 16.81 -1.03 -11.04
N CYS A 138 15.60 -1.11 -10.50
CA CYS A 138 15.35 -0.62 -9.15
C CYS A 138 16.19 -1.44 -8.18
N ASN A 139 16.31 -2.74 -8.45
CA ASN A 139 17.09 -3.60 -7.57
C ASN A 139 18.59 -3.34 -7.68
N SER A 140 19.06 -2.95 -8.87
CA SER A 140 20.48 -2.68 -9.03
C SER A 140 20.88 -1.48 -8.19
N ILE A 141 19.90 -0.66 -7.83
CA ILE A 141 20.13 0.52 -7.02
C ILE A 141 19.94 0.21 -5.54
N GLY A 142 19.41 -0.97 -5.24
CA GLY A 142 19.18 -1.36 -3.87
C GLY A 142 17.83 -0.92 -3.32
N LEU A 143 16.90 -0.60 -4.21
CA LEU A 143 15.57 -0.14 -3.82
C LEU A 143 14.63 -1.23 -3.28
N PHE A 144 15.08 -2.48 -3.32
CA PHE A 144 14.30 -3.59 -2.79
C PHE A 144 14.80 -3.98 -1.38
N ALA A 145 15.52 -3.06 -0.75
CA ALA A 145 16.06 -3.26 0.59
C ALA A 145 14.94 -3.50 1.61
N THR A 146 13.75 -3.02 1.29
CA THR A 146 12.60 -3.17 2.17
C THR A 146 12.00 -4.58 2.06
N GLN A 147 12.14 -5.19 0.88
CA GLN A 147 11.63 -6.52 0.64
C GLN A 147 12.53 -7.40 1.49
N PRO A 148 11.94 -8.30 2.28
CA PRO A 148 12.67 -9.21 3.17
C PRO A 148 13.76 -10.04 2.47
N GLY A 149 13.38 -10.82 1.47
CA GLY A 149 14.38 -11.66 0.79
C GLY A 149 15.40 -10.97 -0.11
N ALA A 150 15.12 -9.75 -0.55
CA ALA A 150 16.00 -9.02 -1.43
C ALA A 150 17.28 -8.46 -0.82
N SER A 151 18.17 -8.01 -1.70
CA SER A 151 19.45 -7.44 -1.32
C SER A 151 19.34 -5.98 -0.86
N PRO A 152 19.85 -5.69 0.34
CA PRO A 152 19.78 -4.33 0.87
C PRO A 152 20.65 -3.31 0.14
N ASP A 153 21.55 -3.78 -0.73
CA ASP A 153 22.40 -2.86 -1.48
C ASP A 153 22.36 -3.10 -2.99
N GLY A 154 21.56 -4.07 -3.41
CA GLY A 154 21.42 -4.35 -4.83
C GLY A 154 22.58 -5.10 -5.45
N SER A 155 23.42 -5.71 -4.61
CA SER A 155 24.57 -6.46 -5.09
C SER A 155 24.21 -7.86 -5.61
N THR A 156 23.02 -8.35 -5.28
CA THR A 156 22.62 -9.67 -5.75
C THR A 156 21.25 -9.64 -6.42
N GLU A 157 20.94 -10.69 -7.18
CA GLU A 157 19.66 -10.79 -7.85
C GLU A 157 18.60 -10.88 -6.76
N PRO A 158 17.36 -10.47 -7.07
CA PRO A 158 16.30 -10.55 -6.07
C PRO A 158 15.78 -11.99 -5.99
N PRO A 159 14.99 -12.30 -4.95
CA PRO A 159 14.45 -13.67 -4.84
C PRO A 159 13.61 -13.94 -6.09
N SER A 160 13.65 -15.18 -6.57
CA SER A 160 12.94 -15.56 -7.78
C SER A 160 11.45 -15.18 -7.86
N TYR A 161 10.79 -15.17 -6.71
CA TYR A 161 9.36 -14.86 -6.62
C TYR A 161 9.00 -13.38 -6.46
N LEU A 162 9.97 -12.53 -6.18
CA LEU A 162 9.71 -11.11 -5.95
C LEU A 162 9.11 -10.32 -7.10
N ILE A 163 9.89 -10.12 -8.17
CA ILE A 163 9.39 -9.36 -9.31
C ILE A 163 8.10 -9.97 -9.88
N PRO A 164 8.01 -11.32 -9.95
CA PRO A 164 6.77 -11.91 -10.48
C PRO A 164 5.57 -11.64 -9.56
N HIS A 165 5.83 -11.42 -8.27
CA HIS A 165 4.72 -11.15 -7.37
C HIS A 165 4.20 -9.75 -7.64
N PHE A 166 5.11 -8.84 -8.00
CA PHE A 166 4.75 -7.47 -8.33
C PHE A 166 3.81 -7.55 -9.54
N THR A 167 4.24 -8.30 -10.53
CA THR A 167 3.47 -8.50 -11.76
C THR A 167 2.10 -9.10 -11.43
N ALA A 168 2.10 -10.14 -10.60
CA ALA A 168 0.88 -10.82 -10.18
C ALA A 168 -0.12 -9.87 -9.52
N VAL A 169 0.37 -9.01 -8.62
CA VAL A 169 -0.50 -8.06 -7.92
C VAL A 169 -1.14 -7.07 -8.88
N VAL A 170 -0.34 -6.52 -9.79
CA VAL A 170 -0.85 -5.58 -10.77
C VAL A 170 -1.93 -6.28 -11.59
N ASP A 171 -1.69 -7.55 -11.90
CA ASP A 171 -2.61 -8.34 -12.70
C ASP A 171 -3.93 -8.71 -12.04
N VAL A 172 -3.93 -8.89 -10.74
CA VAL A 172 -5.15 -9.27 -10.02
C VAL A 172 -6.10 -8.08 -9.87
N MET A 173 -5.57 -6.87 -10.06
CA MET A 173 -6.37 -5.66 -9.96
C MET A 173 -6.94 -5.28 -11.31
N LEU A 174 -6.61 -6.05 -12.33
CA LEU A 174 -7.07 -5.78 -13.68
C LEU A 174 -8.61 -5.66 -13.83
N ASP A 175 -9.36 -6.46 -13.09
CA ASP A 175 -10.80 -6.41 -13.19
C ASP A 175 -11.47 -5.49 -12.18
N TYR A 176 -10.68 -4.65 -11.53
CA TYR A 176 -11.22 -3.73 -10.53
C TYR A 176 -12.07 -2.64 -11.16
N LYS A 177 -13.21 -2.36 -10.52
CA LYS A 177 -14.13 -1.34 -10.99
C LYS A 177 -14.32 -0.34 -9.85
N LEU A 178 -13.87 0.89 -10.07
CA LEU A 178 -13.95 1.96 -9.06
C LEU A 178 -15.35 2.36 -8.63
N ALA A 179 -15.46 2.72 -7.35
CA ALA A 179 -16.71 3.16 -6.76
C ALA A 179 -16.37 4.05 -5.55
N PRO A 180 -17.19 5.08 -5.27
CA PRO A 180 -16.94 5.97 -4.15
C PRO A 180 -17.29 5.30 -2.82
N LEU A 181 -16.65 5.77 -1.75
CA LEU A 181 -16.89 5.19 -0.43
C LEU A 181 -18.30 5.48 0.07
N HIS A 182 -19.07 4.43 0.33
CA HIS A 182 -20.45 4.59 0.79
C HIS A 182 -20.62 4.72 2.30
N ALA A 183 -19.98 5.74 2.88
CA ALA A 183 -20.08 5.97 4.32
C ALA A 183 -20.45 7.43 4.51
N ARG A 184 -21.43 7.72 5.37
CA ARG A 184 -21.79 9.12 5.55
C ARG A 184 -20.63 9.85 6.19
N ARG A 185 -19.94 9.17 7.11
CA ARG A 185 -18.80 9.75 7.79
C ARG A 185 -17.53 9.31 7.05
N MET A 186 -16.82 10.24 6.43
CA MET A 186 -15.59 9.99 5.70
C MET A 186 -14.42 9.84 6.66
N PRO A 187 -13.46 9.04 6.35
CA PRO A 187 -12.30 8.91 7.25
C PRO A 187 -11.35 10.09 7.08
N LYS A 188 -10.40 10.21 7.99
CA LYS A 188 -9.35 11.21 7.84
C LYS A 188 -8.16 10.68 7.05
N VAL A 189 -8.05 11.17 5.81
CA VAL A 189 -7.03 10.66 4.89
C VAL A 189 -5.71 11.44 5.02
N GLY A 190 -4.68 10.61 4.91
CA GLY A 190 -3.30 11.07 4.88
C GLY A 190 -2.68 10.53 3.61
N ILE A 191 -2.02 11.40 2.84
CA ILE A 191 -1.39 10.99 1.60
C ILE A 191 0.04 11.51 1.55
N VAL A 192 0.95 10.65 1.15
CA VAL A 192 2.34 11.02 0.83
C VAL A 192 2.66 10.77 -0.61
N TRP A 193 3.10 11.86 -1.24
CA TRP A 193 3.43 11.88 -2.66
C TRP A 193 4.94 12.01 -2.85
N ALA A 194 5.52 11.07 -3.56
CA ALA A 194 6.92 11.17 -3.92
C ALA A 194 7.12 12.27 -4.98
N ALA A 195 8.10 13.09 -4.77
CA ALA A 195 8.39 14.19 -5.69
C ALA A 195 9.27 13.78 -6.87
N ASP A 196 10.08 12.74 -6.71
CA ASP A 196 10.98 12.30 -7.77
C ASP A 196 10.67 10.94 -8.37
N THR A 197 11.28 10.67 -9.51
CA THR A 197 11.10 9.40 -10.18
C THR A 197 12.42 8.63 -10.10
N VAL A 198 12.33 7.30 -10.13
CA VAL A 198 13.51 6.44 -10.07
C VAL A 198 14.46 6.73 -11.22
N MET A 199 13.93 6.80 -12.41
CA MET A 199 14.72 7.04 -13.63
C MET A 199 14.32 8.38 -14.27
N ASP A 200 15.24 8.92 -15.00
CA ASP A 200 14.87 10.08 -15.74
C ASP A 200 13.92 9.64 -16.84
N GLU A 201 12.90 10.43 -17.06
CA GLU A 201 11.86 10.09 -18.01
C GLU A 201 12.38 9.76 -19.43
N ARG A 202 13.49 10.36 -19.79
CA ARG A 202 14.10 10.09 -21.09
C ARG A 202 14.72 8.71 -21.16
N ASP A 203 14.98 8.12 -20.00
CA ASP A 203 15.59 6.79 -19.93
C ASP A 203 14.58 5.72 -19.57
N ALA A 204 13.39 6.14 -19.15
CA ALA A 204 12.34 5.21 -18.75
C ALA A 204 11.87 4.32 -19.90
N PRO A 205 11.32 3.13 -19.56
CA PRO A 205 10.84 2.21 -20.60
C PRO A 205 9.58 2.77 -21.24
N LYS A 206 9.42 2.51 -22.54
CA LYS A 206 8.25 3.00 -23.27
C LYS A 206 6.99 2.24 -22.84
N MET A 207 5.93 2.97 -22.63
CA MET A 207 4.72 2.44 -22.13
C MET A 207 3.58 2.87 -23.10
N LYS A 208 2.42 2.22 -23.09
CA LYS A 208 1.33 2.59 -23.98
C LYS A 208 0.59 3.79 -23.40
N GLY A 209 0.66 3.94 -22.09
CA GLY A 209 0.01 5.06 -21.45
C GLY A 209 0.91 5.68 -20.40
N MET A 210 0.33 6.55 -19.57
CA MET A 210 1.06 7.22 -18.51
C MET A 210 1.16 6.28 -17.31
N HIS A 211 2.06 6.59 -16.38
CA HIS A 211 2.25 5.78 -15.19
C HIS A 211 2.80 6.65 -14.06
N PHE A 212 2.13 6.63 -12.91
CA PHE A 212 2.52 7.44 -11.77
C PHE A 212 3.96 7.26 -11.30
N MET A 213 4.64 6.22 -11.78
CA MET A 213 6.02 6.00 -11.38
C MET A 213 7.02 6.33 -12.49
N ILE A 214 6.50 6.88 -13.59
CA ILE A 214 7.35 7.26 -14.72
C ILE A 214 7.39 8.77 -14.89
N GLN A 215 6.21 9.41 -14.91
CA GLN A 215 6.15 10.86 -15.07
C GLN A 215 6.28 11.54 -13.73
N LYS A 216 7.17 12.52 -13.65
CA LYS A 216 7.37 13.28 -12.42
C LYS A 216 6.04 13.94 -12.09
N ARG A 217 5.65 13.88 -10.83
CA ARG A 217 4.39 14.46 -10.41
C ARG A 217 4.42 15.98 -10.35
N THR A 218 3.30 16.60 -10.75
CA THR A 218 3.17 18.04 -10.75
C THR A 218 1.94 18.43 -9.93
N GLU A 219 1.04 17.48 -9.72
CA GLU A 219 -0.19 17.70 -8.96
C GLU A 219 -0.03 17.11 -7.56
N PHE A 220 0.00 17.98 -6.56
CA PHE A 220 0.18 17.51 -5.20
C PHE A 220 -1.02 17.59 -4.25
N GLY A 221 -2.20 17.74 -4.82
CA GLY A 221 -3.42 17.78 -4.02
C GLY A 221 -3.91 16.35 -3.92
N PRO A 222 -5.21 16.12 -3.63
CA PRO A 222 -5.77 14.76 -3.51
C PRO A 222 -5.61 13.97 -4.81
N ASP A 223 -5.53 14.69 -5.92
CA ASP A 223 -5.36 14.12 -7.24
C ASP A 223 -6.19 12.86 -7.50
N GLY A 224 -7.50 12.97 -7.25
CA GLY A 224 -8.38 11.84 -7.48
C GLY A 224 -8.96 11.19 -6.24
N TRP A 225 -8.18 11.14 -5.18
CA TRP A 225 -8.64 10.56 -3.93
C TRP A 225 -9.84 11.32 -3.36
N ASP A 226 -9.96 12.58 -3.75
CA ASP A 226 -11.06 13.41 -3.26
C ASP A 226 -12.34 13.12 -4.06
N THR A 227 -12.20 12.42 -5.17
CA THR A 227 -13.34 12.07 -6.02
C THR A 227 -14.07 10.85 -5.47
N ILE A 228 -13.33 9.94 -4.85
CA ILE A 228 -13.92 8.73 -4.30
C ILE A 228 -14.25 8.91 -2.83
N MET A 229 -13.74 9.98 -2.23
CA MET A 229 -14.02 10.28 -0.84
C MET A 229 -14.33 11.76 -0.68
N PRO A 230 -15.40 12.23 -1.31
CA PRO A 230 -15.75 13.65 -1.21
C PRO A 230 -16.21 13.99 0.22
N GLY A 231 -15.72 15.11 0.74
CA GLY A 231 -16.10 15.51 2.08
C GLY A 231 -15.11 15.11 3.16
N ALA A 232 -13.98 14.54 2.75
CA ALA A 232 -12.97 14.10 3.70
C ALA A 232 -11.84 15.12 3.90
N SER A 233 -11.22 15.06 5.07
CA SER A 233 -10.11 15.93 5.40
C SER A 233 -8.83 15.24 4.91
N PHE A 234 -7.98 15.93 4.19
CA PHE A 234 -6.80 15.32 3.58
C PHE A 234 -5.55 16.01 4.15
N ASP A 235 -4.71 15.27 4.83
CA ASP A 235 -3.36 15.69 5.21
C ASP A 235 -2.31 15.21 4.20
N ILE A 236 -1.85 16.15 3.34
CA ILE A 236 -1.01 15.76 2.22
C ILE A 236 0.43 16.28 2.35
N VAL A 237 1.31 15.36 2.14
CA VAL A 237 2.73 15.67 2.30
C VAL A 237 3.50 15.44 1.01
N ARG A 238 4.34 16.40 0.65
CA ARG A 238 5.17 16.33 -0.54
C ARG A 238 6.58 15.95 -0.13
N ALA A 239 6.99 14.73 -0.47
CA ALA A 239 8.32 14.24 -0.13
C ALA A 239 9.37 14.69 -1.14
N ASP A 240 9.78 15.95 -1.06
CA ASP A 240 10.79 16.46 -1.97
C ASP A 240 12.09 15.69 -1.76
N GLY A 241 12.77 15.39 -2.85
CA GLY A 241 14.02 14.65 -2.76
C GLY A 241 13.85 13.14 -2.63
N ALA A 242 12.63 12.64 -2.74
CA ALA A 242 12.39 11.21 -2.61
C ALA A 242 11.55 10.64 -3.73
N ASN A 243 11.84 9.39 -4.12
CA ASN A 243 11.05 8.74 -5.15
C ASN A 243 10.21 7.61 -4.50
N HIS A 244 9.44 6.92 -5.32
CA HIS A 244 8.56 5.85 -4.84
C HIS A 244 9.16 4.89 -3.81
N PHE A 245 10.41 4.49 -4.03
CA PHE A 245 11.08 3.56 -3.13
C PHE A 245 11.90 4.18 -2.01
N THR A 246 12.70 5.20 -2.31
CA THR A 246 13.54 5.84 -1.28
C THR A 246 12.70 6.52 -0.21
N LEU A 247 11.42 6.68 -0.52
CA LEU A 247 10.45 7.27 0.39
C LEU A 247 10.37 6.40 1.65
N MET A 248 10.56 5.09 1.50
CA MET A 248 10.48 4.17 2.63
C MET A 248 11.82 3.96 3.32
N GLN A 249 12.88 4.60 2.83
CA GLN A 249 14.20 4.47 3.41
C GLN A 249 14.41 5.45 4.56
N LYS A 250 15.25 5.07 5.52
CA LYS A 250 15.51 5.91 6.69
C LYS A 250 15.64 7.38 6.37
N GLU A 251 16.20 7.68 5.21
CA GLU A 251 16.39 9.06 4.79
C GLU A 251 15.10 9.87 4.83
N HIS A 252 13.98 9.26 4.46
CA HIS A 252 12.70 9.98 4.42
C HIS A 252 11.53 9.40 5.21
N VAL A 253 11.60 8.10 5.52
CA VAL A 253 10.51 7.41 6.21
C VAL A 253 9.83 8.11 7.39
N SER A 254 10.54 9.01 8.08
CA SER A 254 9.95 9.70 9.23
C SER A 254 8.78 10.65 8.89
N ILE A 255 8.73 11.14 7.66
CA ILE A 255 7.64 12.02 7.25
C ILE A 255 6.35 11.21 7.26
N ILE A 256 6.46 9.92 6.97
CA ILE A 256 5.31 9.02 6.95
C ILE A 256 4.78 8.81 8.36
N SER A 257 5.65 8.50 9.30
CA SER A 257 5.22 8.28 10.68
C SER A 257 4.71 9.57 11.33
N ASP A 258 5.22 10.72 10.91
CA ASP A 258 4.74 11.98 11.47
C ASP A 258 3.32 12.21 10.99
N LEU A 259 3.07 11.85 9.73
CA LEU A 259 1.74 11.99 9.13
C LEU A 259 0.72 11.11 9.85
N ILE A 260 1.10 9.87 10.11
CA ILE A 260 0.23 8.92 10.79
C ILE A 260 -0.13 9.44 12.18
N ASP A 261 0.86 9.97 12.89
CA ASP A 261 0.62 10.51 14.22
C ASP A 261 -0.36 11.68 14.17
N ARG A 262 -0.32 12.44 13.08
CA ARG A 262 -1.23 13.59 12.92
C ARG A 262 -2.65 13.13 12.61
N VAL A 263 -2.79 12.30 11.59
CA VAL A 263 -4.09 11.77 11.15
C VAL A 263 -4.81 10.96 12.23
N MET A 264 -4.04 10.24 13.05
CA MET A 264 -4.61 9.40 14.10
C MET A 264 -4.42 9.94 15.52
N ALA A 265 -3.94 11.18 15.64
CA ALA A 265 -3.73 11.79 16.95
C ALA A 265 -5.01 11.75 17.80
#